data_5OK0
#
_entry.id   5OK0
#
_cell.length_a   36.810
_cell.length_b   54.940
_cell.length_c   103.340
_cell.angle_alpha   90.00
_cell.angle_beta   90.00
_cell.angle_gamma   90.00
#
_symmetry.space_group_name_H-M   'P 21 21 21'
#
loop_
_entity.id
_entity.type
_entity.pdbx_description
1 polymer Beta-phosphoglucomutase
2 non-polymer 1,6-di-O-phosphono-beta-D-glucopyranose
3 non-polymer 'MAGNESIUM ION'
4 non-polymer 1,3-PROPANDIOL
5 water water
#
_entity_poly.entity_id   1
_entity_poly.type   'polypeptide(L)'
_entity_poly.pdbx_seq_one_letter_code
;MFKAVLFDLNGVITDTAEYHFRAWKALAEEIGINGVDRQFNEQLKGVSREDSLQKILDLADKKVSAEEFKELAKRKNDNY
VKMIQDVSPADVYPGILQLLKDLRSNKIKIALASASKNGPFLLERMNLTGYFDAIADPAEVAASKPAPDIFIAAAHAVGV
APSESIGLEDSQAGIQAIKDSGALPIGVGRPEDLGDDIVIVPDTSHYTLEFLKEVWLQ
;
_entity_poly.pdbx_strand_id   A
#
loop_
_chem_comp.id
_chem_comp.type
_chem_comp.name
_chem_comp.formula
B16 D-saccharide 1,6-di-O-phosphono-beta-D-glucopyranose 'C6 H14 O12 P2'
MG non-polymer 'MAGNESIUM ION' 'Mg 2'
PDO non-polymer 1,3-PROPANDIOL 'C3 H8 O2'
#
# COMPACT_ATOMS: atom_id res chain seq x y z
N MET A 1 -6.93 -18.77 15.73
CA MET A 1 -5.76 -17.87 15.53
C MET A 1 -5.70 -17.51 14.04
N PHE A 2 -5.31 -16.26 13.78
CA PHE A 2 -5.12 -15.77 12.41
C PHE A 2 -3.90 -16.48 11.82
N LYS A 3 -3.99 -16.81 10.52
CA LYS A 3 -2.94 -17.54 9.85
C LYS A 3 -2.11 -16.66 8.92
N ALA A 4 -2.50 -15.40 8.71
CA ALA A 4 -1.69 -14.49 7.90
C ALA A 4 -1.86 -13.00 8.27
N VAL A 5 -0.81 -12.24 7.98
CA VAL A 5 -0.89 -10.77 7.97
C VAL A 5 -0.64 -10.32 6.53
N LEU A 6 -1.43 -9.35 6.08
CA LEU A 6 -1.31 -8.75 4.76
C LEU A 6 -0.93 -7.27 4.93
N PHE A 7 0.31 -6.96 4.58
CA PHE A 7 0.90 -5.63 4.75
C PHE A 7 0.71 -4.77 3.51
N ASP A 8 0.10 -3.59 3.68
CA ASP A 8 0.28 -2.49 2.73
C ASP A 8 1.76 -2.01 2.78
N LEU A 9 2.25 -1.40 1.70
CA LEU A 9 3.65 -0.90 1.69
C LEU A 9 3.77 0.49 2.25
N ASN A 10 3.29 1.47 1.47
CA ASN A 10 3.43 2.89 1.78
C ASN A 10 2.50 3.32 2.93
N GLY A 11 3.11 3.76 4.04
CA GLY A 11 2.41 4.16 5.24
C GLY A 11 2.29 3.10 6.34
N VAL A 12 2.74 1.87 6.07
CA VAL A 12 2.86 0.80 7.06
C VAL A 12 4.37 0.39 7.22
N ILE A 13 4.96 -0.16 6.15
CA ILE A 13 6.33 -0.70 6.18
C ILE A 13 7.38 0.43 6.17
N THR A 14 7.17 1.37 5.25
CA THR A 14 7.82 2.70 5.21
C THR A 14 6.79 3.63 4.55
N ASP A 15 7.16 4.85 4.14
CA ASP A 15 6.27 5.61 3.28
C ASP A 15 7.06 6.43 2.28
N THR A 16 6.80 6.20 1.00
CA THR A 16 7.35 7.02 -0.09
C THR A 16 6.26 7.94 -0.75
N ALA A 17 5.15 8.19 -0.06
CA ALA A 17 4.06 9.04 -0.59
C ALA A 17 4.55 10.40 -1.07
N GLU A 18 5.49 11.04 -0.36
CA GLU A 18 6.05 12.37 -0.78
C GLU A 18 6.64 12.33 -2.15
N TYR A 19 7.28 11.22 -2.48
CA TYR A 19 7.95 11.07 -3.76
C TYR A 19 6.96 10.83 -4.91
N HIS A 20 5.95 9.98 -4.69
CA HIS A 20 4.85 9.81 -5.64
C HIS A 20 4.14 11.13 -5.91
N PHE A 21 3.88 11.90 -4.84
CA PHE A 21 3.19 13.21 -4.98
C PHE A 21 4.01 14.21 -5.83
N ARG A 22 5.28 14.39 -5.47
CA ARG A 22 6.20 15.24 -6.23
C ARG A 22 6.31 14.87 -7.72
N ALA A 23 6.40 13.57 -8.02
CA ALA A 23 6.49 13.06 -9.40
C ALA A 23 5.20 13.27 -10.21
N TRP A 24 4.07 12.98 -9.58
CA TRP A 24 2.73 13.21 -10.17
C TRP A 24 2.46 14.68 -10.41
N LYS A 25 2.74 15.49 -9.39
CA LYS A 25 2.70 16.98 -9.49
C LYS A 25 3.52 17.55 -10.66
N ALA A 26 4.76 17.07 -10.75
CA ALA A 26 5.66 17.48 -11.82
C ALA A 26 5.14 17.13 -13.22
N LEU A 27 4.56 15.92 -13.35
CA LEU A 27 4.01 15.47 -14.63
C LEU A 27 2.79 16.30 -15.09
N ALA A 28 1.88 16.60 -14.16
CA ALA A 28 0.67 17.42 -14.44
C ALA A 28 1.01 18.87 -14.92
N GLU A 29 2.00 19.48 -14.25
CA GLU A 29 2.56 20.80 -14.64
C GLU A 29 3.15 20.77 -16.05
N GLU A 30 3.82 19.66 -16.39
CA GLU A 30 4.32 19.46 -17.76
C GLU A 30 3.23 19.30 -18.82
N ILE A 31 2.09 18.71 -18.48
CA ILE A 31 0.98 18.55 -19.43
C ILE A 31 -0.16 19.56 -19.27
N GLY A 32 0.00 20.55 -18.40
CA GLY A 32 -0.90 21.72 -18.33
C GLY A 32 -2.13 21.56 -17.46
N ILE A 33 -2.07 20.65 -16.48
CA ILE A 33 -3.22 20.28 -15.67
C ILE A 33 -3.00 20.85 -14.27
N ASN A 34 -4.01 21.59 -13.81
CA ASN A 34 -4.03 22.18 -12.51
C ASN A 34 -4.87 21.30 -11.61
N GLY A 35 -4.59 21.36 -10.30
CA GLY A 35 -5.36 20.61 -9.29
C GLY A 35 -4.64 19.48 -8.57
N VAL A 36 -3.45 19.13 -9.03
CA VAL A 36 -2.65 18.08 -8.37
C VAL A 36 -1.94 18.72 -7.18
N ASP A 37 -2.71 18.90 -6.10
CA ASP A 37 -2.21 19.41 -4.82
C ASP A 37 -2.25 18.26 -3.84
N ARG A 38 -1.79 18.50 -2.62
CA ARG A 38 -1.69 17.40 -1.65
C ARG A 38 -3.06 16.78 -1.32
N GLN A 39 -4.09 17.63 -1.19
CA GLN A 39 -5.47 17.18 -1.01
C GLN A 39 -5.86 16.17 -2.09
N PHE A 40 -5.65 16.50 -3.36
CA PHE A 40 -5.91 15.52 -4.44
C PHE A 40 -5.11 14.21 -4.33
N ASN A 41 -3.84 14.30 -3.96
CA ASN A 41 -3.00 13.12 -3.80
C ASN A 41 -3.46 12.14 -2.69
N GLU A 42 -4.30 12.60 -1.74
CA GLU A 42 -4.94 11.68 -0.78
C GLU A 42 -5.78 10.63 -1.47
N GLN A 43 -6.51 11.01 -2.51
CA GLN A 43 -7.25 10.02 -3.26
C GLN A 43 -6.41 9.14 -4.21
N LEU A 44 -5.11 9.46 -4.36
CA LEU A 44 -4.16 8.66 -5.18
C LEU A 44 -3.53 7.48 -4.45
N LYS A 45 -3.66 7.43 -3.12
CA LYS A 45 -3.02 6.39 -2.35
C LYS A 45 -3.87 5.17 -2.14
N GLY A 46 -3.17 4.02 -2.14
CA GLY A 46 -3.77 2.74 -2.48
C GLY A 46 -4.05 2.50 -3.97
N VAL A 47 -3.76 3.47 -4.84
CA VAL A 47 -4.27 3.42 -6.23
C VAL A 47 -3.11 3.15 -7.20
N SER A 48 -3.42 2.35 -8.25
CA SER A 48 -2.42 1.89 -9.21
C SER A 48 -1.84 3.05 -10.00
N ARG A 49 -0.72 2.78 -10.67
CA ARG A 49 -0.10 3.77 -11.55
C ARG A 49 -1.03 4.26 -12.68
N GLU A 50 -1.78 3.31 -13.25
CA GLU A 50 -2.65 3.52 -14.41
C GLU A 50 -3.85 4.33 -13.98
N ASP A 51 -4.45 3.91 -12.87
CA ASP A 51 -5.61 4.61 -12.27
C ASP A 51 -5.30 6.00 -11.69
N SER A 52 -4.05 6.21 -11.23
CA SER A 52 -3.62 7.55 -10.71
C SER A 52 -3.47 8.54 -11.86
N LEU A 53 -2.79 8.11 -12.93
CA LEU A 53 -2.75 8.89 -14.17
C LEU A 53 -4.18 9.25 -14.63
N GLN A 54 -5.06 8.26 -14.77
CA GLN A 54 -6.41 8.52 -15.23
C GLN A 54 -7.18 9.54 -14.36
N LYS A 55 -7.10 9.42 -13.03
CA LYS A 55 -7.65 10.47 -12.17
C LYS A 55 -7.10 11.87 -12.49
N ILE A 56 -5.80 11.94 -12.78
CA ILE A 56 -5.14 13.23 -13.12
C ILE A 56 -5.68 13.81 -14.42
N LEU A 57 -5.77 12.98 -15.45
CA LEU A 57 -6.32 13.41 -16.76
C LEU A 57 -7.78 13.85 -16.62
N ASP A 58 -8.57 13.04 -15.93
CA ASP A 58 -9.98 13.33 -15.63
C ASP A 58 -10.19 14.69 -14.97
N LEU A 59 -9.18 15.24 -14.26
CA LEU A 59 -9.30 16.59 -13.69
C LEU A 59 -9.58 17.66 -14.73
N ALA A 60 -9.05 17.46 -15.94
CA ALA A 60 -9.23 18.41 -17.04
C ALA A 60 -9.95 17.80 -18.23
N ASP A 61 -10.64 16.68 -18.01
CA ASP A 61 -11.24 15.90 -19.08
C ASP A 61 -10.27 15.65 -20.25
N LYS A 62 -9.00 15.37 -19.91
CA LYS A 62 -7.91 15.28 -20.86
C LYS A 62 -7.89 13.88 -21.51
N LYS A 63 -7.90 13.83 -22.84
CA LYS A 63 -7.89 12.58 -23.61
C LYS A 63 -6.52 12.39 -24.24
N VAL A 64 -6.00 11.18 -24.18
CA VAL A 64 -4.69 10.82 -24.71
C VAL A 64 -4.80 9.48 -25.43
N SER A 65 -3.96 9.26 -26.43
CA SER A 65 -3.76 7.92 -27.00
C SER A 65 -3.21 6.94 -25.95
N ALA A 66 -3.35 5.65 -26.19
CA ALA A 66 -2.78 4.63 -25.28
C ALA A 66 -1.25 4.68 -25.29
N GLU A 67 -0.66 5.06 -26.42
CA GLU A 67 0.79 5.18 -26.48
C GLU A 67 1.28 6.35 -25.60
N GLU A 68 0.64 7.50 -25.73
CA GLU A 68 1.03 8.66 -24.94
C GLU A 68 0.59 8.50 -23.47
N PHE A 69 -0.37 7.63 -23.18
CA PHE A 69 -0.65 7.15 -21.81
C PHE A 69 0.54 6.38 -21.19
N LYS A 70 1.03 5.38 -21.91
CA LYS A 70 2.22 4.63 -21.51
C LYS A 70 3.47 5.49 -21.25
N GLU A 71 3.77 6.39 -22.17
CA GLU A 71 4.97 7.24 -22.02
C GLU A 71 4.89 8.18 -20.79
N LEU A 72 3.70 8.73 -20.52
CA LEU A 72 3.47 9.62 -19.38
C LEU A 72 3.59 8.91 -18.03
N ALA A 73 3.04 7.70 -17.96
CA ALA A 73 3.21 6.80 -16.79
C ALA A 73 4.67 6.41 -16.58
N LYS A 74 5.37 6.13 -17.66
CA LYS A 74 6.80 5.83 -17.63
C LYS A 74 7.66 7.03 -17.20
N ARG A 75 7.34 8.22 -17.71
CA ARG A 75 8.02 9.45 -17.29
C ARG A 75 7.89 9.62 -15.79
N LYS A 76 6.67 9.50 -15.28
CA LYS A 76 6.45 9.73 -13.84
C LYS A 76 7.24 8.72 -13.00
N ASN A 77 7.15 7.45 -13.39
CA ASN A 77 7.78 6.38 -12.64
C ASN A 77 9.31 6.44 -12.66
N ASP A 78 9.90 6.80 -13.80
CA ASP A 78 11.37 6.98 -13.88
C ASP A 78 11.82 8.06 -12.87
N ASN A 79 11.05 9.15 -12.80
CA ASN A 79 11.27 10.25 -11.86
C ASN A 79 11.14 9.73 -10.41
N TYR A 80 9.99 9.13 -10.10
CA TYR A 80 9.76 8.53 -8.80
C TYR A 80 10.94 7.63 -8.37
N VAL A 81 11.34 6.73 -9.26
CA VAL A 81 12.35 5.70 -8.96
C VAL A 81 13.71 6.35 -8.69
N LYS A 82 14.04 7.37 -9.48
CA LYS A 82 15.19 8.25 -9.21
C LYS A 82 15.16 8.90 -7.80
N MET A 83 13.98 9.23 -7.29
CA MET A 83 13.82 9.87 -5.96
C MET A 83 13.89 8.91 -4.76
N ILE A 84 13.75 7.60 -5.01
CA ILE A 84 13.84 6.57 -3.94
C ILE A 84 15.13 5.70 -4.03
N GLN A 85 16.19 6.24 -4.64
CA GLN A 85 17.45 5.48 -4.83
C GLN A 85 18.24 5.27 -3.56
N ASP A 86 18.10 6.16 -2.59
CA ASP A 86 18.85 6.07 -1.34
C ASP A 86 18.05 5.37 -0.22
N VAL A 87 16.84 4.87 -0.51
CA VAL A 87 16.08 4.07 0.45
C VAL A 87 16.84 2.80 0.89
N SER A 88 16.89 2.57 2.21
CA SER A 88 17.69 1.50 2.84
C SER A 88 16.90 0.86 4.01
N PRO A 89 17.50 -0.10 4.74
CA PRO A 89 16.87 -0.60 5.98
C PRO A 89 16.74 0.44 7.13
N ALA A 90 17.31 1.64 6.95
CA ALA A 90 17.02 2.79 7.80
C ALA A 90 15.56 3.27 7.67
N ASP A 91 15.02 3.17 6.46
CA ASP A 91 13.68 3.71 6.16
C ASP A 91 12.53 2.91 6.70
N VAL A 92 12.80 1.68 7.13
CA VAL A 92 11.77 0.79 7.67
C VAL A 92 11.18 1.39 8.94
N TYR A 93 9.85 1.43 9.00
CA TYR A 93 9.09 2.03 10.12
C TYR A 93 9.22 1.29 11.49
N PRO A 94 9.03 2.00 12.63
CA PRO A 94 9.28 1.40 13.96
C PRO A 94 8.39 0.21 14.31
N GLY A 95 8.99 -0.84 14.88
CA GLY A 95 8.27 -2.07 15.17
C GLY A 95 8.01 -3.04 13.99
N ILE A 96 8.24 -2.63 12.74
CA ILE A 96 7.87 -3.49 11.59
C ILE A 96 8.82 -4.70 11.42
N LEU A 97 10.13 -4.50 11.56
CA LEU A 97 11.11 -5.62 11.50
C LEU A 97 10.88 -6.65 12.61
N GLN A 98 10.74 -6.18 13.84
CA GLN A 98 10.39 -7.06 14.96
C GLN A 98 9.11 -7.86 14.77
N LEU A 99 8.06 -7.21 14.29
CA LEU A 99 6.79 -7.85 14.01
C LEU A 99 6.94 -8.89 12.91
N LEU A 100 7.64 -8.55 11.83
CA LEU A 100 7.94 -9.54 10.79
C LEU A 100 8.67 -10.75 11.34
N LYS A 101 9.67 -10.50 12.20
CA LYS A 101 10.42 -11.57 12.86
C LYS A 101 9.55 -12.44 13.74
N ASP A 102 8.65 -11.81 14.48
CA ASP A 102 7.76 -12.54 15.38
C ASP A 102 6.67 -13.31 14.63
N LEU A 103 6.27 -12.79 13.48
CA LEU A 103 5.26 -13.47 12.66
C LEU A 103 5.88 -14.72 12.04
N ARG A 104 7.07 -14.56 11.46
CA ARG A 104 7.80 -15.70 10.88
C ARG A 104 8.01 -16.85 11.87
N SER A 105 8.46 -16.53 13.08
CA SER A 105 8.88 -17.53 14.07
C SER A 105 7.69 -18.28 14.69
N ASN A 106 6.52 -17.66 14.59
CA ASN A 106 5.26 -18.31 14.95
C ASN A 106 4.49 -18.90 13.76
N LYS A 107 5.14 -19.09 12.61
CA LYS A 107 4.53 -19.69 11.40
C LYS A 107 3.29 -18.91 10.90
N ILE A 108 3.36 -17.60 11.00
CA ILE A 108 2.26 -16.78 10.50
C ILE A 108 2.73 -16.19 9.18
N LYS A 109 1.94 -16.44 8.14
CA LYS A 109 2.28 -16.08 6.78
C LYS A 109 2.28 -14.57 6.63
N ILE A 110 3.21 -14.09 5.79
CA ILE A 110 3.42 -12.67 5.56
C ILE A 110 3.30 -12.40 4.08
N ALA A 111 2.34 -11.53 3.72
CA ALA A 111 2.09 -11.14 2.35
C ALA A 111 2.10 -9.62 2.18
N LEU A 112 2.69 -9.16 1.06
CA LEU A 112 2.55 -7.76 0.61
C LEU A 112 1.24 -7.56 -0.20
N ALA A 113 0.50 -6.51 0.13
CA ALA A 113 -0.71 -6.15 -0.65
C ALA A 113 -0.73 -4.64 -1.06
N SER A 114 0.30 -4.27 -1.79
CA SER A 114 0.53 -2.92 -2.30
C SER A 114 0.01 -2.76 -3.75
N ALA A 115 -0.47 -1.55 -4.06
CA ALA A 115 -0.83 -1.13 -5.41
C ALA A 115 0.38 -0.74 -6.26
N SER A 116 1.56 -0.61 -5.62
CA SER A 116 2.79 -0.25 -6.31
C SER A 116 3.56 -1.47 -6.83
N LYS A 117 3.97 -1.36 -8.10
CA LYS A 117 4.81 -2.36 -8.80
C LYS A 117 6.31 -2.22 -8.45
N ASN A 118 6.64 -1.11 -7.78
CA ASN A 118 7.93 -0.89 -7.12
C ASN A 118 8.05 -1.56 -5.72
N GLY A 119 7.03 -2.28 -5.29
CA GLY A 119 7.05 -3.01 -4.02
C GLY A 119 8.21 -3.97 -3.83
N PRO A 120 8.40 -4.93 -4.75
CA PRO A 120 9.57 -5.82 -4.72
C PRO A 120 10.89 -5.08 -4.57
N PHE A 121 11.06 -4.01 -5.33
CA PHE A 121 12.26 -3.19 -5.31
C PHE A 121 12.56 -2.57 -3.92
N LEU A 122 11.53 -2.00 -3.30
CA LEU A 122 11.62 -1.38 -1.96
C LEU A 122 11.89 -2.36 -0.78
N LEU A 123 11.22 -3.51 -0.79
CA LEU A 123 11.49 -4.60 0.17
C LEU A 123 12.92 -5.18 0.04
N GLU A 124 13.47 -5.16 -1.18
CA GLU A 124 14.86 -5.56 -1.45
C GLU A 124 15.80 -4.57 -0.83
N ARG A 125 15.57 -3.30 -1.18
CA ARG A 125 16.36 -2.16 -0.67
C ARG A 125 16.29 -2.06 0.86
N MET A 126 15.15 -2.45 1.45
CA MET A 126 15.00 -2.45 2.92
C MET A 126 15.44 -3.76 3.55
N ASN A 127 15.97 -4.70 2.75
CA ASN A 127 16.34 -6.05 3.18
C ASN A 127 15.24 -6.83 3.91
N LEU A 128 14.02 -6.74 3.37
CA LEU A 128 12.85 -7.38 3.96
C LEU A 128 12.29 -8.54 3.14
N THR A 129 12.79 -8.73 1.92
CA THR A 129 12.32 -9.73 0.98
C THR A 129 12.13 -11.14 1.54
N GLY A 130 13.11 -11.58 2.33
CA GLY A 130 13.13 -12.90 2.97
C GLY A 130 11.94 -13.23 3.84
N TYR A 131 11.40 -12.21 4.53
CA TYR A 131 10.23 -12.39 5.43
C TYR A 131 8.91 -12.58 4.69
N PHE A 132 8.87 -12.23 3.40
CA PHE A 132 7.65 -12.25 2.64
C PHE A 132 7.42 -13.57 1.90
N ASP A 133 6.42 -14.30 2.35
CA ASP A 133 5.96 -15.52 1.68
C ASP A 133 5.37 -15.23 0.29
N ALA A 134 4.74 -14.07 0.11
CA ALA A 134 4.27 -13.66 -1.23
C ALA A 134 4.13 -12.15 -1.38
N ILE A 135 4.14 -11.70 -2.62
CA ILE A 135 3.96 -10.30 -2.97
C ILE A 135 2.90 -10.26 -4.05
N ALA A 136 1.70 -9.77 -3.70
CA ALA A 136 0.62 -9.77 -4.68
C ALA A 136 1.01 -8.81 -5.80
N ASP A 137 0.86 -9.29 -7.03
CA ASP A 137 1.25 -8.53 -8.20
C ASP A 137 0.11 -7.58 -8.56
N PRO A 138 0.31 -6.26 -8.42
CA PRO A 138 -0.72 -5.29 -8.83
C PRO A 138 -1.02 -5.26 -10.34
N ALA A 139 -0.06 -5.73 -11.16
CA ALA A 139 -0.27 -5.96 -12.60
C ALA A 139 -1.40 -6.94 -12.90
N GLU A 140 -1.60 -7.92 -12.02
CA GLU A 140 -2.54 -9.00 -12.24
C GLU A 140 -3.93 -8.78 -11.62
N VAL A 141 -4.17 -7.69 -10.91
CA VAL A 141 -5.50 -7.43 -10.32
C VAL A 141 -6.41 -6.56 -11.19
N ALA A 142 -7.72 -6.75 -11.03
CA ALA A 142 -8.74 -6.08 -11.84
C ALA A 142 -9.03 -4.61 -11.42
N ALA A 143 -8.87 -4.28 -10.13
CA ALA A 143 -9.17 -2.92 -9.66
C ALA A 143 -8.33 -2.44 -8.46
N SER A 144 -8.12 -1.13 -8.42
CA SER A 144 -7.47 -0.45 -7.29
C SER A 144 -8.32 -0.44 -6.04
N LYS A 145 -7.66 -0.25 -4.90
CA LYS A 145 -8.32 0.02 -3.62
C LYS A 145 -9.24 1.26 -3.83
N PRO A 146 -10.48 1.26 -3.30
CA PRO A 146 -10.96 0.40 -2.25
C PRO A 146 -11.52 -0.94 -2.65
N ALA A 147 -11.40 -1.32 -3.93
CA ALA A 147 -11.75 -2.68 -4.33
C ALA A 147 -10.89 -3.64 -3.52
N PRO A 148 -11.43 -4.81 -3.17
CA PRO A 148 -10.71 -5.75 -2.29
C PRO A 148 -9.68 -6.66 -2.99
N ASP A 149 -9.52 -6.51 -4.30
CA ASP A 149 -8.87 -7.53 -5.14
C ASP A 149 -7.42 -7.79 -4.70
N ILE A 150 -6.70 -6.73 -4.41
CA ILE A 150 -5.31 -6.85 -3.93
C ILE A 150 -5.13 -7.66 -2.60
N PHE A 151 -5.98 -7.44 -1.59
CA PHE A 151 -5.90 -8.21 -0.33
C PHE A 151 -6.38 -9.66 -0.46
N ILE A 152 -7.37 -9.88 -1.33
CA ILE A 152 -7.84 -11.24 -1.68
C ILE A 152 -6.69 -12.01 -2.32
N ALA A 153 -6.18 -11.48 -3.43
CA ALA A 153 -5.01 -12.03 -4.12
C ALA A 153 -3.78 -12.30 -3.21
N ALA A 154 -3.54 -11.38 -2.27
CA ALA A 154 -2.43 -11.50 -1.32
C ALA A 154 -2.62 -12.69 -0.38
N ALA A 155 -3.85 -12.81 0.15
CA ALA A 155 -4.22 -13.90 1.05
C ALA A 155 -4.08 -15.28 0.36
N HIS A 156 -4.63 -15.34 -0.85
CA HIS A 156 -4.53 -16.52 -1.72
C HIS A 156 -3.09 -16.87 -2.07
N ALA A 157 -2.24 -15.86 -2.25
CA ALA A 157 -0.84 -16.08 -2.58
C ALA A 157 -0.04 -16.76 -1.48
N VAL A 158 -0.63 -16.85 -0.29
CA VAL A 158 -0.03 -17.55 0.82
C VAL A 158 -0.90 -18.72 1.28
N GLY A 159 -1.78 -19.17 0.37
CA GLY A 159 -2.75 -20.25 0.62
C GLY A 159 -3.63 -20.09 1.85
N VAL A 160 -4.12 -18.87 2.13
CA VAL A 160 -5.15 -18.67 3.18
C VAL A 160 -6.30 -17.82 2.66
N ALA A 161 -7.45 -17.92 3.34
CA ALA A 161 -8.58 -17.06 3.03
C ALA A 161 -8.36 -15.76 3.76
N PRO A 162 -8.91 -14.66 3.19
CA PRO A 162 -8.91 -13.34 3.83
C PRO A 162 -9.53 -13.36 5.21
N SER A 163 -10.49 -14.27 5.42
CA SER A 163 -11.13 -14.48 6.74
C SER A 163 -10.19 -15.04 7.79
N GLU A 164 -9.10 -15.69 7.36
CA GLU A 164 -8.04 -16.15 8.28
C GLU A 164 -6.93 -15.09 8.48
N SER A 165 -7.12 -13.91 7.89
CA SER A 165 -6.05 -12.91 7.76
C SER A 165 -6.32 -11.54 8.46
N ILE A 166 -5.22 -10.85 8.82
CA ILE A 166 -5.25 -9.45 9.29
C ILE A 166 -4.65 -8.58 8.21
N GLY A 167 -5.28 -7.44 7.96
CA GLY A 167 -4.82 -6.47 6.97
C GLY A 167 -4.38 -5.21 7.68
N LEU A 168 -3.21 -4.67 7.29
CA LEU A 168 -2.63 -3.48 7.94
C LEU A 168 -2.57 -2.33 6.95
N GLU A 169 -3.13 -1.17 7.30
CA GLU A 169 -3.28 -0.07 6.36
C GLU A 169 -3.25 1.34 6.96
N ASP A 170 -2.78 2.30 6.15
CA ASP A 170 -2.80 3.71 6.53
C ASP A 170 -3.98 4.53 5.89
N SER A 171 -4.60 4.02 4.82
CA SER A 171 -5.53 4.80 4.03
C SER A 171 -6.98 4.33 4.19
N GLN A 172 -7.93 5.25 3.97
CA GLN A 172 -9.36 4.90 3.96
C GLN A 172 -9.69 3.84 2.90
N ALA A 173 -9.17 4.06 1.69
CA ALA A 173 -9.33 3.12 0.58
C ALA A 173 -8.80 1.73 0.89
N GLY A 174 -7.65 1.67 1.56
CA GLY A 174 -7.03 0.41 1.94
C GLY A 174 -7.81 -0.32 2.98
N ILE A 175 -8.23 0.42 4.00
CA ILE A 175 -9.10 -0.13 5.04
C ILE A 175 -10.41 -0.67 4.49
N GLN A 176 -11.03 0.04 3.56
CA GLN A 176 -12.24 -0.42 2.93
C GLN A 176 -11.97 -1.68 2.10
N ALA A 177 -10.86 -1.73 1.38
CA ALA A 177 -10.47 -2.95 0.65
C ALA A 177 -10.34 -4.17 1.56
N ILE A 178 -9.65 -4.00 2.69
CA ILE A 178 -9.52 -5.04 3.70
C ILE A 178 -10.92 -5.52 4.15
N LYS A 179 -11.79 -4.59 4.54
CA LYS A 179 -13.17 -4.90 4.97
C LYS A 179 -13.87 -5.81 3.98
N ASP A 180 -13.84 -5.41 2.70
CA ASP A 180 -14.54 -6.15 1.64
C ASP A 180 -13.89 -7.44 1.17
N SER A 181 -12.66 -7.73 1.58
CA SER A 181 -12.05 -9.06 1.34
C SER A 181 -12.50 -10.08 2.39
N GLY A 182 -13.03 -9.61 3.52
CA GLY A 182 -13.34 -10.47 4.67
C GLY A 182 -12.22 -10.58 5.72
N ALA A 183 -11.11 -9.83 5.51
CA ALA A 183 -9.99 -9.75 6.48
C ALA A 183 -10.28 -8.73 7.55
N LEU A 184 -9.54 -8.82 8.65
CA LEU A 184 -9.68 -7.88 9.77
C LEU A 184 -8.70 -6.70 9.64
N PRO A 185 -9.22 -5.49 9.36
CA PRO A 185 -8.34 -4.32 9.30
C PRO A 185 -7.89 -3.83 10.66
N ILE A 186 -6.61 -3.53 10.77
CA ILE A 186 -6.10 -2.71 11.89
C ILE A 186 -5.39 -1.53 11.24
N GLY A 187 -5.90 -0.31 11.47
CA GLY A 187 -5.37 0.89 10.86
C GLY A 187 -4.28 1.60 11.64
N VAL A 188 -3.55 2.46 10.96
CA VAL A 188 -2.49 3.28 11.59
C VAL A 188 -2.62 4.72 11.10
N GLY A 189 -2.79 5.62 12.06
CA GLY A 189 -3.06 7.04 11.80
C GLY A 189 -4.05 7.59 12.81
N ARG A 190 -4.96 8.43 12.33
CA ARG A 190 -5.97 9.06 13.18
C ARG A 190 -7.34 8.49 12.88
N PRO A 191 -8.16 8.26 13.92
CA PRO A 191 -9.54 7.81 13.71
C PRO A 191 -10.48 8.87 13.07
N GLU A 192 -10.09 10.15 13.11
CA GLU A 192 -10.78 11.21 12.34
C GLU A 192 -10.60 11.03 10.83
N ASP A 193 -9.49 10.40 10.43
CA ASP A 193 -9.19 10.07 9.03
C ASP A 193 -9.67 8.69 8.59
N LEU A 194 -9.56 7.68 9.46
CA LEU A 194 -9.85 6.28 9.08
C LEU A 194 -11.18 5.70 9.61
N GLY A 195 -11.67 6.21 10.73
CA GLY A 195 -12.93 5.77 11.33
C GLY A 195 -12.82 5.53 12.83
N ASP A 196 -13.96 5.24 13.45
CA ASP A 196 -13.99 4.83 14.87
C ASP A 196 -14.69 3.46 15.04
N ASP A 197 -14.88 2.73 13.96
CA ASP A 197 -15.49 1.38 13.96
C ASP A 197 -14.46 0.23 13.85
N ILE A 198 -13.18 0.58 13.80
CA ILE A 198 -12.09 -0.40 13.69
C ILE A 198 -11.02 -0.02 14.69
N VAL A 199 -10.11 -0.96 14.96
CA VAL A 199 -8.97 -0.67 15.82
C VAL A 199 -7.94 0.15 15.01
N ILE A 200 -7.56 1.30 15.55
CA ILE A 200 -6.53 2.16 14.96
C ILE A 200 -5.38 2.26 15.97
N VAL A 201 -4.15 2.26 15.48
CA VAL A 201 -2.99 2.53 16.32
C VAL A 201 -2.43 3.89 15.89
N PRO A 202 -1.90 4.69 16.82
CA PRO A 202 -1.37 5.99 16.47
C PRO A 202 -0.07 5.95 15.65
N ASP A 203 0.77 4.93 15.88
CA ASP A 203 1.96 4.70 15.03
C ASP A 203 2.25 3.19 14.93
N THR A 204 3.14 2.85 14.01
CA THR A 204 3.47 1.44 13.72
C THR A 204 4.27 0.74 14.80
N SER A 205 4.84 1.48 15.77
CA SER A 205 5.45 0.84 16.97
C SER A 205 4.42 0.05 17.83
N HIS A 206 3.14 0.43 17.74
CA HIS A 206 2.02 -0.32 18.38
C HIS A 206 1.61 -1.62 17.70
N TYR A 207 2.13 -1.88 16.51
CA TYR A 207 1.88 -3.13 15.80
C TYR A 207 2.83 -4.22 16.30
N THR A 208 2.48 -4.83 17.43
CA THR A 208 3.21 -5.94 18.03
C THR A 208 2.41 -7.21 17.81
N LEU A 209 3.08 -8.36 17.81
CA LEU A 209 2.37 -9.66 17.75
C LEU A 209 1.29 -9.87 18.83
N GLU A 210 1.57 -9.49 20.07
CA GLU A 210 0.62 -9.70 21.17
C GLU A 210 -0.59 -8.81 21.01
N PHE A 211 -0.39 -7.60 20.51
CA PHE A 211 -1.52 -6.71 20.23
C PHE A 211 -2.44 -7.22 19.11
N LEU A 212 -1.84 -7.71 18.02
CA LEU A 212 -2.60 -8.36 16.93
C LEU A 212 -3.43 -9.56 17.43
N LYS A 213 -2.83 -10.39 18.27
CA LYS A 213 -3.55 -11.51 18.89
C LYS A 213 -4.71 -11.04 19.75
N GLU A 214 -4.49 -9.97 20.52
CA GLU A 214 -5.55 -9.39 21.35
C GLU A 214 -6.74 -8.96 20.47
N VAL A 215 -6.44 -8.21 19.40
CA VAL A 215 -7.47 -7.63 18.53
C VAL A 215 -8.25 -8.73 17.83
N TRP A 216 -7.53 -9.71 17.28
CA TRP A 216 -8.12 -10.90 16.63
C TRP A 216 -9.21 -11.54 17.49
N LEU A 217 -8.91 -11.65 18.77
CA LEU A 217 -9.78 -12.23 19.79
C LEU A 217 -11.00 -11.40 20.15
N GLN A 218 -10.81 -10.08 20.30
CA GLN A 218 -11.84 -9.08 20.77
C GLN A 218 -12.24 -9.08 22.31
P B16 B . 0.58 1.43 -1.38
P' B16 B . 3.53 2.55 -8.61
C1 B16 B . 1.90 3.59 -6.79
O1 B16 B . 2.20 2.64 -7.82
C2 B16 B . 1.01 4.68 -7.40
O2 B16 B . 1.62 5.27 -8.55
C3 B16 B . 0.74 5.72 -6.31
O3 B16 B . -0.14 6.73 -6.83
C4 B16 B . 0.15 5.08 -5.05
O4 B16 B . 0.13 6.05 -4.01
C5 B16 B . 0.94 3.87 -4.56
O5 B16 B . 1.21 2.96 -5.70
C6 B16 B . 0.16 3.14 -3.43
O6 B16 B . 1.10 2.42 -2.54
O1P B16 B . 0.08 2.27 -0.25
O2P B16 B . 1.74 0.50 -0.97
O3P B16 B . -0.53 0.53 -1.98
O1X B16 B . 4.72 2.41 -7.72
O2X B16 B . 3.64 3.78 -9.49
O3X B16 B . 3.44 1.33 -9.54
MG MG C . -0.89 2.84 1.64
C1 PDO D . -0.52 20.97 -9.97
O1 PDO D . -1.06 20.42 -11.17
C2 PDO D . -0.29 22.49 -10.03
C3 PDO D . -1.54 23.38 -9.82
O3 PDO D . -2.50 22.98 -8.81
#